data_4U89
#
_entry.id   4U89
#
_cell.length_a   99.808
_cell.length_b   121.263
_cell.length_c   48.828
_cell.angle_alpha   90.000
_cell.angle_beta   90.000
_cell.angle_gamma   90.000
#
_symmetry.space_group_name_H-M   'C 2 2 21'
#
loop_
_entity.id
_entity.type
_entity.pdbx_description
1 polymer 'Phosphopantetheinyl transferase PptT'
2 non-polymer 'COENZYME A'
3 non-polymer 'SODIUM ION'
4 non-polymer 'PHOSPHATE ION'
5 non-polymer 'TETRAETHYLENE GLYCOL'
6 non-polymer IMIDAZOLE
7 water water
#
_entity_poly.entity_id   1
_entity_poly.type   'polypeptide(L)'
_entity_poly.pdbx_seq_one_letter_code
;MGSSHHHHHHSSGLVPRGSHMTVGTLVASVLPATVFEDLAYAELYSDPPGLTPLPEEAPLIARSVAKRRNEFITVRHCAR
IALDQLGVPPAPILKGDKGEPCWPDGMVGSLTHCAGYRGAVVGRRDAVRSVGIDAEPHDVLPNGVLDAISLPAERADMPR
TMPAALHWDRILFCAKEATYKAWFPLTKRWLGFEDAHITFETDSTGWTGRFVSRILIDGSTLSGPPLTTLRGRWSVERGL
VLTAIVLGSGGTSGGGSGT
;
_entity_poly.pdbx_strand_id   A
#
loop_
_chem_comp.id
_chem_comp.type
_chem_comp.name
_chem_comp.formula
COA non-polymer 'COENZYME A' 'C21 H36 N7 O16 P3 S'
IMD non-polymer IMIDAZOLE 'C3 H5 N2 1'
NA non-polymer 'SODIUM ION' 'Na 1'
PG4 non-polymer 'TETRAETHYLENE GLYCOL' 'C8 H18 O5'
PO4 non-polymer 'PHOSPHATE ION' 'O4 P -3'
#
# COMPACT_ATOMS: atom_id res chain seq x y z
N VAL A 23 -11.99 3.40 17.14
CA VAL A 23 -11.49 3.31 15.70
C VAL A 23 -9.94 3.03 15.59
N GLY A 24 -9.54 2.15 14.64
CA GLY A 24 -8.12 1.82 14.62
C GLY A 24 -7.28 2.89 13.87
N THR A 25 -6.07 3.11 14.34
CA THR A 25 -5.20 4.11 13.81
C THR A 25 -3.80 3.61 13.47
N LEU A 26 -3.63 2.27 13.22
CA LEU A 26 -2.30 1.77 12.88
C LEU A 26 -1.73 2.45 11.65
N VAL A 27 -2.52 2.61 10.59
CA VAL A 27 -1.99 3.19 9.35
C VAL A 27 -1.54 4.67 9.56
N ALA A 28 -2.04 5.38 10.60
CA ALA A 28 -1.57 6.79 10.74
C ALA A 28 -0.08 6.80 10.98
N SER A 29 0.51 5.71 11.48
CA SER A 29 1.94 5.60 11.77
CA SER A 29 1.96 5.66 11.78
C SER A 29 2.77 5.70 10.52
N VAL A 30 2.12 5.56 9.34
CA VAL A 30 2.85 5.68 8.07
C VAL A 30 2.39 6.82 7.21
N LEU A 31 1.56 7.75 7.75
CA LEU A 31 1.11 8.87 6.91
C LEU A 31 1.88 10.15 7.26
N PRO A 32 2.00 11.03 6.26
CA PRO A 32 2.73 12.29 6.46
C PRO A 32 1.86 13.34 7.17
N ALA A 33 2.50 14.27 7.86
CA ALA A 33 1.78 15.44 8.41
C ALA A 33 1.58 16.51 7.34
N THR A 34 2.46 16.58 6.34
CA THR A 34 2.47 17.75 5.41
C THR A 34 1.13 17.84 4.70
N VAL A 35 0.49 16.73 4.34
CA VAL A 35 -0.77 16.77 3.56
C VAL A 35 -1.94 16.09 4.32
N PHE A 36 -1.76 15.98 5.63
CA PHE A 36 -2.70 15.17 6.39
C PHE A 36 -4.15 15.62 6.25
N GLU A 37 -4.38 16.93 6.23
CA GLU A 37 -5.75 17.44 6.11
C GLU A 37 -6.40 17.05 4.79
N ASP A 38 -5.59 16.62 3.81
CA ASP A 38 -6.14 16.19 2.57
C ASP A 38 -6.15 14.65 2.39
N LEU A 39 -5.88 13.95 3.51
CA LEU A 39 -5.99 12.48 3.56
C LEU A 39 -7.07 12.07 4.49
N ALA A 40 -7.54 10.80 4.27
CA ALA A 40 -8.39 10.17 5.28
C ALA A 40 -8.14 8.66 5.24
N TYR A 41 -8.47 7.96 6.32
CA TYR A 41 -8.18 6.53 6.35
C TYR A 41 -9.23 5.80 7.12
N ALA A 42 -9.31 4.49 6.92
CA ALA A 42 -10.20 3.66 7.78
C ALA A 42 -9.65 2.24 7.72
N GLU A 43 -9.60 1.58 8.85
CA GLU A 43 -9.12 0.21 8.89
C GLU A 43 -9.98 -0.58 9.80
N LEU A 44 -9.93 -1.92 9.61
CA LEU A 44 -10.62 -2.93 10.46
C LEU A 44 -9.68 -4.13 10.51
N TYR A 45 -9.99 -5.04 11.44
CA TYR A 45 -9.02 -6.15 11.67
C TYR A 45 -9.66 -7.49 11.39
N SER A 46 -10.92 -7.49 10.93
CA SER A 46 -11.71 -8.70 10.56
C SER A 46 -12.87 -8.24 9.74
N ASP A 47 -13.58 -9.18 9.16
CA ASP A 47 -14.76 -8.91 8.35
C ASP A 47 -15.96 -8.90 9.25
N PRO A 48 -16.65 -7.74 9.34
CA PRO A 48 -17.90 -7.68 10.07
C PRO A 48 -18.91 -8.68 9.51
N PRO A 49 -19.61 -9.42 10.35
CA PRO A 49 -20.53 -10.46 9.76
C PRO A 49 -21.75 -9.82 9.10
N GLY A 50 -22.26 -10.44 8.05
CA GLY A 50 -23.48 -10.00 7.42
C GLY A 50 -23.41 -8.74 6.56
N LEU A 51 -22.19 -8.22 6.22
CA LEU A 51 -22.08 -7.10 5.27
C LEU A 51 -22.51 -7.60 3.90
N THR A 52 -23.47 -6.90 3.28
CA THR A 52 -24.03 -7.27 1.96
C THR A 52 -23.16 -6.45 0.97
N PRO A 53 -22.76 -7.00 -0.19
CA PRO A 53 -22.12 -6.14 -1.20
C PRO A 53 -23.10 -5.15 -1.83
N LEU A 54 -22.57 -4.01 -2.23
CA LEU A 54 -23.41 -3.11 -3.08
C LEU A 54 -23.74 -3.82 -4.36
N PRO A 55 -24.97 -3.66 -4.88
CA PRO A 55 -25.29 -4.42 -6.12
C PRO A 55 -24.36 -4.07 -7.27
N GLU A 56 -23.85 -2.81 -7.34
CA GLU A 56 -22.99 -2.41 -8.46
CA GLU A 56 -22.99 -2.50 -8.49
C GLU A 56 -21.56 -3.02 -8.28
N GLU A 57 -21.20 -3.40 -7.05
CA GLU A 57 -19.86 -3.95 -6.81
C GLU A 57 -19.95 -5.49 -6.83
N ALA A 58 -21.10 -6.08 -6.59
CA ALA A 58 -21.23 -7.55 -6.60
C ALA A 58 -20.63 -8.24 -7.85
N PRO A 59 -20.77 -7.65 -9.07
CA PRO A 59 -20.22 -8.40 -10.27
C PRO A 59 -18.72 -8.61 -10.12
N LEU A 60 -18.01 -7.76 -9.38
CA LEU A 60 -16.58 -7.89 -9.24
C LEU A 60 -16.15 -9.13 -8.47
N ILE A 61 -17.05 -9.70 -7.73
CA ILE A 61 -16.76 -10.85 -6.88
C ILE A 61 -17.73 -12.02 -7.19
N ALA A 62 -18.41 -11.98 -8.34
CA ALA A 62 -19.42 -12.98 -8.73
C ALA A 62 -18.87 -14.38 -8.87
N ARG A 63 -17.56 -14.54 -9.12
CA ARG A 63 -16.98 -15.85 -9.28
C ARG A 63 -15.94 -16.10 -8.18
N SER A 64 -15.87 -15.25 -7.17
CA SER A 64 -14.81 -15.31 -6.15
C SER A 64 -15.05 -16.32 -5.03
N VAL A 65 -13.98 -16.84 -4.42
CA VAL A 65 -14.13 -17.71 -3.24
C VAL A 65 -14.62 -16.86 -2.04
N ALA A 66 -15.17 -17.49 -1.02
CA ALA A 66 -15.84 -16.77 0.07
C ALA A 66 -14.81 -15.88 0.73
N LYS A 67 -13.56 -16.31 0.93
CA LYS A 67 -12.55 -15.48 1.68
C LYS A 67 -12.36 -14.14 0.92
N ARG A 68 -12.26 -14.23 -0.41
CA ARG A 68 -12.05 -13.06 -1.28
C ARG A 68 -13.35 -12.20 -1.21
N ARG A 69 -14.53 -12.78 -1.25
CA ARG A 69 -15.74 -11.97 -1.22
C ARG A 69 -15.80 -11.19 0.09
N ASN A 70 -15.50 -11.82 1.21
CA ASN A 70 -15.66 -11.22 2.55
C ASN A 70 -14.67 -10.06 2.62
N GLU A 71 -13.38 -10.25 2.27
CA GLU A 71 -12.42 -9.15 2.45
C GLU A 71 -12.70 -8.06 1.46
N PHE A 72 -13.13 -8.37 0.24
CA PHE A 72 -13.42 -7.34 -0.73
C PHE A 72 -14.49 -6.39 -0.17
N ILE A 73 -15.57 -6.95 0.38
CA ILE A 73 -16.69 -6.15 0.88
C ILE A 73 -16.20 -5.28 2.03
N THR A 74 -15.37 -5.83 2.93
CA THR A 74 -14.85 -5.03 4.06
C THR A 74 -13.99 -3.92 3.58
N VAL A 75 -13.06 -4.19 2.63
CA VAL A 75 -12.13 -3.18 2.23
C VAL A 75 -12.93 -2.07 1.47
N ARG A 76 -13.91 -2.37 0.65
CA ARG A 76 -14.73 -1.33 -0.01
C ARG A 76 -15.49 -0.53 1.05
N HIS A 77 -15.90 -1.18 2.14
CA HIS A 77 -16.59 -0.44 3.22
C HIS A 77 -15.61 0.58 3.80
N CYS A 78 -14.37 0.14 4.12
CA CYS A 78 -13.36 1.08 4.61
C CYS A 78 -13.12 2.21 3.64
N ALA A 79 -13.08 1.92 2.37
CA ALA A 79 -12.87 2.96 1.31
C ALA A 79 -13.98 4.02 1.46
N ARG A 80 -15.23 3.62 1.55
CA ARG A 80 -16.32 4.61 1.60
C ARG A 80 -16.26 5.37 2.94
N ILE A 81 -15.89 4.73 4.06
CA ILE A 81 -15.73 5.41 5.40
CA ILE A 81 -15.81 5.53 5.28
C ILE A 81 -14.72 6.57 5.14
N ALA A 82 -13.58 6.22 4.58
CA ALA A 82 -12.49 7.19 4.45
C ALA A 82 -12.90 8.30 3.44
N LEU A 83 -13.49 7.96 2.33
CA LEU A 83 -13.94 8.98 1.37
C LEU A 83 -14.97 9.91 2.04
N ASP A 84 -15.86 9.36 2.86
CA ASP A 84 -16.91 10.19 3.50
C ASP A 84 -16.22 11.25 4.37
N GLN A 85 -15.09 10.93 5.00
CA GLN A 85 -14.39 11.94 5.81
C GLN A 85 -13.89 13.12 5.01
N LEU A 86 -13.58 12.88 3.74
CA LEU A 86 -13.15 13.96 2.81
C LEU A 86 -14.35 14.66 2.16
N GLY A 87 -15.57 14.31 2.59
CA GLY A 87 -16.77 15.00 2.04
C GLY A 87 -17.29 14.35 0.77
N VAL A 88 -16.88 13.12 0.45
CA VAL A 88 -17.36 12.46 -0.75
C VAL A 88 -18.55 11.59 -0.44
N PRO A 89 -19.71 11.78 -1.08
CA PRO A 89 -20.88 10.94 -0.77
C PRO A 89 -20.59 9.46 -1.10
N PRO A 90 -21.19 8.56 -0.33
CA PRO A 90 -20.91 7.13 -0.61
C PRO A 90 -21.46 6.70 -1.94
N ALA A 91 -20.69 5.87 -2.67
CA ALA A 91 -21.01 5.41 -4.02
C ALA A 91 -20.17 4.14 -4.29
N PRO A 92 -20.61 3.37 -5.26
CA PRO A 92 -19.81 2.18 -5.65
C PRO A 92 -18.46 2.58 -6.20
N ILE A 93 -17.45 1.75 -6.01
CA ILE A 93 -16.06 1.95 -6.49
C ILE A 93 -15.77 0.77 -7.42
N LEU A 94 -15.78 0.97 -8.70
CA LEU A 94 -15.59 -0.14 -9.66
C LEU A 94 -14.06 -0.44 -9.81
N LYS A 95 -13.72 -1.30 -10.77
CA LYS A 95 -12.36 -1.83 -10.92
CA LYS A 95 -12.35 -1.75 -10.91
C LYS A 95 -11.98 -1.52 -12.39
N GLY A 96 -10.76 -1.08 -12.59
CA GLY A 96 -10.35 -0.58 -13.83
C GLY A 96 -9.30 -1.38 -14.39
N ASP A 97 -8.36 -0.66 -15.09
CA ASP A 97 -7.21 -1.24 -15.79
C ASP A 97 -6.39 -2.01 -14.77
N LYS A 98 -6.25 -3.32 -15.01
CA LYS A 98 -5.31 -4.10 -14.24
C LYS A 98 -5.67 -4.18 -12.76
N GLY A 99 -6.97 -4.06 -12.43
CA GLY A 99 -7.40 -4.26 -11.04
C GLY A 99 -7.48 -2.99 -10.20
N GLU A 100 -7.02 -1.83 -10.74
CA GLU A 100 -6.93 -0.66 -9.95
C GLU A 100 -8.36 -0.19 -9.60
N PRO A 101 -8.55 0.34 -8.38
CA PRO A 101 -9.91 0.87 -8.05
C PRO A 101 -10.16 2.15 -8.80
N CYS A 102 -11.43 2.36 -9.12
CA CYS A 102 -11.90 3.57 -9.80
C CYS A 102 -12.43 4.54 -8.76
N TRP A 103 -11.58 5.50 -8.41
CA TRP A 103 -11.92 6.46 -7.35
C TRP A 103 -12.92 7.51 -7.88
N PRO A 104 -13.72 8.11 -6.94
CA PRO A 104 -14.61 9.24 -7.33
C PRO A 104 -13.80 10.37 -7.97
N ASP A 105 -14.44 11.25 -8.73
CA ASP A 105 -13.75 12.41 -9.32
C ASP A 105 -12.99 13.24 -8.25
N GLY A 106 -11.74 13.58 -8.58
CA GLY A 106 -10.97 14.44 -7.67
C GLY A 106 -10.31 13.74 -6.51
N MET A 107 -10.44 12.38 -6.46
CA MET A 107 -9.86 11.61 -5.37
CA MET A 107 -9.89 11.56 -5.36
C MET A 107 -8.88 10.57 -5.89
N VAL A 108 -7.95 10.21 -4.99
CA VAL A 108 -6.97 9.15 -5.21
C VAL A 108 -6.98 8.28 -3.95
N GLY A 109 -6.37 7.08 -3.97
CA GLY A 109 -6.35 6.28 -2.78
C GLY A 109 -5.69 4.93 -3.05
N SER A 110 -5.63 4.14 -2.00
CA SER A 110 -5.12 2.78 -2.17
C SER A 110 -5.76 1.91 -1.08
N LEU A 111 -5.80 0.57 -1.32
CA LEU A 111 -6.49 -0.39 -0.51
C LEU A 111 -5.56 -1.55 -0.21
N THR A 112 -5.73 -2.19 0.92
CA THR A 112 -4.94 -3.40 1.21
C THR A 112 -5.64 -4.29 2.19
N HIS A 113 -5.32 -5.60 2.15
CA HIS A 113 -5.74 -6.50 3.18
C HIS A 113 -4.65 -7.52 3.39
N CYS A 114 -4.67 -8.10 4.59
CA CYS A 114 -3.90 -9.34 4.86
C CYS A 114 -4.51 -9.96 6.09
N ALA A 115 -4.01 -11.08 6.60
CA ALA A 115 -4.65 -11.64 7.81
C ALA A 115 -4.65 -10.58 8.92
N GLY A 116 -5.82 -10.36 9.51
CA GLY A 116 -5.93 -9.38 10.56
C GLY A 116 -5.97 -7.91 10.16
N TYR A 117 -6.13 -7.58 8.87
CA TYR A 117 -6.03 -6.15 8.46
C TYR A 117 -6.83 -5.94 7.21
N ARG A 118 -7.61 -4.86 7.20
CA ARG A 118 -8.24 -4.34 5.99
C ARG A 118 -8.12 -2.84 6.07
N GLY A 119 -7.66 -2.15 5.03
CA GLY A 119 -7.48 -0.70 5.23
C GLY A 119 -7.63 0.03 3.89
N ALA A 120 -7.98 1.33 4.05
CA ALA A 120 -8.04 2.26 2.90
C ALA A 120 -7.41 3.55 3.30
N VAL A 121 -6.63 4.19 2.42
CA VAL A 121 -6.18 5.57 2.62
C VAL A 121 -6.56 6.25 1.34
N VAL A 122 -7.21 7.41 1.48
CA VAL A 122 -7.64 8.20 0.28
C VAL A 122 -7.16 9.64 0.43
N GLY A 123 -7.10 10.35 -0.70
CA GLY A 123 -6.63 11.72 -0.66
C GLY A 123 -7.36 12.56 -1.70
N ARG A 124 -7.32 13.88 -1.48
CA ARG A 124 -7.81 14.83 -2.47
C ARG A 124 -6.77 15.04 -3.53
N ARG A 125 -7.11 14.87 -4.84
CA ARG A 125 -6.12 14.83 -5.92
CA ARG A 125 -6.14 14.83 -5.94
C ARG A 125 -5.52 16.24 -6.05
N ASP A 126 -6.23 17.30 -5.60
CA ASP A 126 -5.62 18.60 -5.76
C ASP A 126 -4.40 18.83 -4.81
N ALA A 127 -4.20 17.99 -3.82
CA ALA A 127 -3.04 18.02 -2.93
C ALA A 127 -2.17 16.76 -2.97
N VAL A 128 -2.74 15.64 -3.40
CA VAL A 128 -2.11 14.31 -3.37
C VAL A 128 -2.13 13.75 -4.75
N ARG A 129 -1.02 13.45 -5.33
CA ARG A 129 -1.00 12.94 -6.65
C ARG A 129 -1.35 11.45 -6.75
N SER A 130 -0.92 10.68 -5.76
CA SER A 130 -1.14 9.24 -5.75
C SER A 130 -0.92 8.75 -4.33
N VAL A 131 -1.54 7.63 -4.00
CA VAL A 131 -1.34 6.89 -2.78
C VAL A 131 -1.08 5.40 -3.11
N GLY A 132 -0.12 4.84 -2.39
CA GLY A 132 0.01 3.32 -2.41
C GLY A 132 0.22 2.88 -0.99
N ILE A 133 -0.53 1.83 -0.59
CA ILE A 133 -0.32 1.31 0.77
C ILE A 133 -0.22 -0.22 0.65
N ASP A 134 0.38 -0.82 1.69
CA ASP A 134 0.36 -2.28 1.78
C ASP A 134 0.48 -2.69 3.22
N ALA A 135 -0.25 -3.76 3.56
CA ALA A 135 -0.16 -4.42 4.88
C ALA A 135 0.27 -5.85 4.69
N GLU A 136 1.20 -6.31 5.54
CA GLU A 136 1.57 -7.73 5.56
C GLU A 136 1.65 -8.24 6.95
N PRO A 137 1.47 -9.58 7.12
CA PRO A 137 1.89 -10.14 8.42
C PRO A 137 3.40 -9.96 8.61
N HIS A 138 3.83 -9.65 9.82
CA HIS A 138 5.26 -9.51 10.08
C HIS A 138 5.86 -10.91 10.32
N ASP A 139 6.04 -11.61 9.23
CA ASP A 139 6.46 -13.01 9.17
CA ASP A 139 6.69 -12.91 9.31
C ASP A 139 7.57 -13.09 8.12
N VAL A 140 8.47 -14.06 8.23
CA VAL A 140 9.45 -14.29 7.16
C VAL A 140 8.79 -14.60 5.83
N LEU A 141 9.56 -14.40 4.77
CA LEU A 141 9.23 -14.98 3.43
C LEU A 141 10.23 -16.15 3.18
N PRO A 142 9.83 -17.10 2.32
CA PRO A 142 10.81 -18.11 1.93
C PRO A 142 12.04 -17.51 1.24
N ASN A 143 13.29 -18.07 1.14
N ASN A 143 13.16 -18.07 1.73
CA ASN A 143 14.43 -17.36 0.37
CA ASN A 143 14.42 -17.64 1.24
C ASN A 143 14.20 -17.28 -1.10
C ASN A 143 14.38 -17.86 -0.25
N GLY A 144 13.59 -18.32 -1.68
N GLY A 144 13.62 -18.89 -0.72
CA GLY A 144 13.36 -18.25 -3.14
CA GLY A 144 13.61 -19.22 -2.12
C GLY A 144 12.38 -17.09 -3.49
C GLY A 144 12.92 -18.20 -3.03
N VAL A 145 11.47 -16.76 -2.58
N VAL A 145 12.16 -17.21 -2.45
CA VAL A 145 10.50 -15.56 -2.82
CA VAL A 145 11.33 -16.02 -3.05
C VAL A 145 11.31 -14.27 -2.59
C VAL A 145 11.93 -14.61 -2.85
N LEU A 146 12.23 -14.27 -1.63
CA LEU A 146 13.16 -13.13 -1.56
C LEU A 146 14.08 -12.78 -2.80
N ASP A 147 14.77 -13.69 -3.43
CA ASP A 147 15.56 -13.38 -4.60
CA ASP A 147 15.56 -13.31 -4.60
C ASP A 147 14.74 -12.86 -5.84
N ALA A 148 13.56 -13.38 -5.96
CA ALA A 148 12.62 -12.95 -7.02
C ALA A 148 12.06 -11.51 -6.73
N ILE A 149 12.03 -11.10 -5.48
CA ILE A 149 11.39 -9.82 -5.16
C ILE A 149 12.41 -8.75 -4.81
N SER A 150 13.74 -9.00 -4.87
CA SER A 150 14.73 -8.06 -4.45
C SER A 150 15.92 -7.95 -5.38
N LEU A 151 16.66 -6.86 -5.23
CA LEU A 151 17.90 -6.71 -5.93
C LEU A 151 19.03 -7.10 -5.02
N PRO A 152 20.20 -7.47 -5.57
CA PRO A 152 21.39 -7.77 -4.70
C PRO A 152 21.72 -6.65 -3.73
N ALA A 153 21.66 -5.38 -4.18
CA ALA A 153 22.03 -4.31 -3.25
C ALA A 153 21.07 -4.15 -2.12
N GLU A 154 19.75 -4.47 -2.35
CA GLU A 154 18.81 -4.46 -1.24
C GLU A 154 19.15 -5.55 -0.22
N ARG A 155 19.46 -6.75 -0.71
CA ARG A 155 19.74 -7.79 0.25
C ARG A 155 21.02 -7.44 1.02
N ALA A 156 21.98 -6.72 0.40
CA ALA A 156 23.18 -6.33 1.15
C ALA A 156 22.88 -5.18 2.15
N ASP A 157 22.06 -4.22 1.77
CA ASP A 157 21.92 -3.02 2.61
C ASP A 157 20.83 -3.15 3.69
N MET A 158 19.77 -3.90 3.42
CA MET A 158 18.68 -4.00 4.44
CA MET A 158 18.74 -3.95 4.47
C MET A 158 19.21 -4.40 5.83
N PRO A 159 20.11 -5.45 5.91
CA PRO A 159 20.56 -5.79 7.21
C PRO A 159 21.39 -4.71 7.88
N ARG A 160 21.99 -3.81 7.10
CA ARG A 160 22.77 -2.70 7.64
C ARG A 160 21.92 -1.59 8.20
N THR A 161 20.68 -1.50 7.76
CA THR A 161 19.79 -0.32 8.07
C THR A 161 18.63 -0.70 8.93
N MET A 162 18.39 -2.02 9.14
CA MET A 162 17.19 -2.48 9.89
CA MET A 162 17.19 -2.58 9.84
C MET A 162 17.65 -3.22 11.15
N PRO A 163 16.95 -3.01 12.30
CA PRO A 163 17.28 -3.80 13.54
C PRO A 163 17.11 -5.30 13.28
N ALA A 164 17.96 -6.13 13.89
CA ALA A 164 17.95 -7.56 13.60
C ALA A 164 16.61 -8.25 13.98
N ALA A 165 15.82 -7.66 14.90
CA ALA A 165 14.48 -8.22 15.29
C ALA A 165 13.48 -8.21 14.15
N LEU A 166 13.69 -7.38 13.14
CA LEU A 166 12.66 -7.20 12.14
C LEU A 166 12.86 -8.17 10.97
N HIS A 167 11.78 -8.53 10.31
CA HIS A 167 11.87 -9.38 9.14
C HIS A 167 12.04 -8.49 7.90
N TRP A 168 13.29 -8.17 7.59
CA TRP A 168 13.53 -7.19 6.56
C TRP A 168 13.07 -7.64 5.21
N ASP A 169 13.08 -8.93 4.94
CA ASP A 169 12.58 -9.46 3.71
C ASP A 169 11.11 -9.04 3.49
N ARG A 170 10.30 -9.25 4.52
CA ARG A 170 8.89 -8.94 4.46
C ARG A 170 8.68 -7.42 4.35
N ILE A 171 9.45 -6.64 5.10
CA ILE A 171 9.29 -5.17 5.09
C ILE A 171 9.66 -4.65 3.68
N LEU A 172 10.77 -5.15 3.13
CA LEU A 172 11.14 -4.76 1.77
C LEU A 172 10.00 -5.07 0.80
N PHE A 173 9.46 -6.31 0.86
CA PHE A 173 8.36 -6.73 -0.05
C PHE A 173 7.14 -5.80 0.14
N CYS A 174 6.78 -5.48 1.42
CA CYS A 174 5.61 -4.60 1.67
CA CYS A 174 5.67 -4.56 1.66
C CYS A 174 5.84 -3.26 0.92
N ALA A 175 7.06 -2.71 1.03
CA ALA A 175 7.35 -1.45 0.33
C ALA A 175 7.27 -1.61 -1.20
N LYS A 176 7.71 -2.76 -1.74
CA LYS A 176 7.58 -3.01 -3.18
C LYS A 176 6.10 -2.96 -3.60
N GLU A 177 5.21 -3.49 -2.77
CA GLU A 177 3.82 -3.53 -3.18
C GLU A 177 3.21 -2.09 -3.10
N ALA A 178 3.55 -1.37 -2.02
CA ALA A 178 3.04 0.02 -1.96
C ALA A 178 3.59 0.81 -3.13
N THR A 179 4.82 0.55 -3.56
CA THR A 179 5.39 1.26 -4.72
C THR A 179 4.57 0.99 -5.95
N TYR A 180 4.29 -0.28 -6.26
CA TYR A 180 3.49 -0.57 -7.47
C TYR A 180 2.14 0.19 -7.38
N LYS A 181 1.48 0.16 -6.22
CA LYS A 181 0.13 0.75 -6.15
C LYS A 181 0.16 2.28 -6.35
N ALA A 182 1.25 2.92 -5.91
CA ALA A 182 1.37 4.40 -6.10
C ALA A 182 1.74 4.72 -7.56
N TRP A 183 2.52 3.84 -8.19
CA TRP A 183 3.01 4.00 -9.53
C TRP A 183 1.92 3.74 -10.58
N PHE A 184 1.20 2.66 -10.49
CA PHE A 184 0.37 2.21 -11.60
C PHE A 184 -0.68 3.23 -12.06
N PRO A 185 -1.38 3.91 -11.10
CA PRO A 185 -2.47 4.83 -11.60
C PRO A 185 -1.87 6.01 -12.36
N LEU A 186 -0.59 6.35 -12.13
CA LEU A 186 0.02 7.48 -12.81
C LEU A 186 0.62 7.09 -14.17
N THR A 187 1.07 5.85 -14.28
CA THR A 187 1.77 5.40 -15.51
C THR A 187 0.99 4.44 -16.38
N LYS A 188 0.08 3.67 -15.77
CA LYS A 188 -0.63 2.57 -16.44
C LYS A 188 0.35 1.56 -17.06
N ARG A 189 1.55 1.39 -16.46
CA ARG A 189 2.52 0.39 -16.95
C ARG A 189 2.92 -0.52 -15.82
N TRP A 190 3.40 -1.70 -16.18
CA TRP A 190 4.00 -2.63 -15.22
C TRP A 190 5.21 -1.99 -14.49
N LEU A 191 5.46 -2.38 -13.24
CA LEU A 191 6.68 -2.13 -12.53
CA LEU A 191 6.69 -2.10 -12.52
C LEU A 191 7.06 -3.42 -11.86
N GLY A 192 8.19 -3.99 -12.27
CA GLY A 192 8.62 -5.27 -11.68
C GLY A 192 9.41 -5.10 -10.42
N PHE A 193 9.67 -6.19 -9.71
CA PHE A 193 10.44 -6.13 -8.49
C PHE A 193 11.85 -5.62 -8.71
N GLU A 194 12.46 -5.87 -9.89
N GLU A 194 12.38 -5.85 -9.93
CA GLU A 194 13.83 -5.34 -10.07
CA GLU A 194 13.74 -5.44 -10.22
C GLU A 194 13.81 -3.99 -10.80
C GLU A 194 13.80 -3.97 -10.62
N ASP A 195 12.65 -3.34 -10.84
CA ASP A 195 12.58 -2.02 -11.51
C ASP A 195 12.58 -0.88 -10.48
N ALA A 196 12.57 -1.19 -9.16
CA ALA A 196 12.68 -0.15 -8.16
C ALA A 196 13.65 -0.59 -7.12
N HIS A 197 14.63 0.23 -6.78
CA HIS A 197 15.61 -0.05 -5.71
C HIS A 197 15.15 0.73 -4.55
N ILE A 198 14.86 0.03 -3.46
CA ILE A 198 14.31 0.68 -2.24
C ILE A 198 15.32 0.67 -1.12
N THR A 199 15.62 1.85 -0.57
CA THR A 199 16.58 2.05 0.52
CA THR A 199 16.51 1.96 0.57
C THR A 199 15.77 2.47 1.74
N PHE A 200 16.20 1.98 2.89
CA PHE A 200 15.50 2.22 4.15
C PHE A 200 16.35 2.93 5.16
N GLU A 201 15.63 3.54 6.10
CA GLU A 201 16.22 4.04 7.36
C GLU A 201 15.26 3.63 8.50
N THR A 202 15.84 3.44 9.71
CA THR A 202 15.02 3.12 10.88
C THR A 202 15.14 4.26 11.90
N ASP A 203 13.99 4.59 12.43
CA ASP A 203 13.93 5.61 13.52
C ASP A 203 14.54 5.05 14.79
N SER A 204 15.03 5.91 15.68
CA SER A 204 15.81 5.42 16.80
C SER A 204 14.97 4.53 17.71
N THR A 205 13.64 4.65 17.70
CA THR A 205 12.77 3.78 18.45
C THR A 205 12.64 2.31 17.93
N GLY A 206 13.06 2.05 16.69
CA GLY A 206 13.34 0.71 16.19
C GLY A 206 12.22 0.01 15.45
N TRP A 207 11.02 0.58 15.38
CA TRP A 207 9.85 -0.09 14.81
C TRP A 207 9.15 0.70 13.69
N THR A 208 9.72 1.84 13.28
CA THR A 208 9.15 2.68 12.20
C THR A 208 10.34 3.26 11.47
N GLY A 209 10.08 3.78 10.27
CA GLY A 209 11.09 4.53 9.61
C GLY A 209 10.65 4.95 8.24
N ARG A 210 11.60 5.30 7.39
CA ARG A 210 11.30 5.85 6.06
C ARG A 210 11.92 4.97 4.99
N PHE A 211 11.42 5.06 3.81
CA PHE A 211 12.11 4.42 2.65
C PHE A 211 12.06 5.33 1.41
N VAL A 212 12.91 5.04 0.45
CA VAL A 212 12.77 5.73 -0.81
CA VAL A 212 12.85 5.75 -0.81
C VAL A 212 12.90 4.69 -1.87
N SER A 213 11.93 4.66 -2.80
CA SER A 213 11.93 3.72 -3.94
CA SER A 213 12.01 3.73 -3.92
C SER A 213 12.45 4.49 -5.16
N ARG A 214 13.61 4.08 -5.70
CA ARG A 214 14.24 4.75 -6.83
C ARG A 214 13.84 3.97 -8.08
N ILE A 215 13.13 4.57 -9.03
CA ILE A 215 12.66 3.92 -10.25
C ILE A 215 13.85 3.76 -11.21
N LEU A 216 13.99 2.55 -11.78
CA LEU A 216 15.16 2.23 -12.58
C LEU A 216 14.76 2.16 -14.05
N ILE A 217 13.50 2.42 -14.38
CA ILE A 217 13.01 2.35 -15.76
C ILE A 217 12.39 3.73 -16.14
N ASP A 218 11.96 3.89 -17.36
CA ASP A 218 11.30 5.16 -17.76
C ASP A 218 10.10 5.42 -16.83
N GLY A 219 10.06 6.65 -16.27
CA GLY A 219 9.01 6.99 -15.28
C GLY A 219 7.90 7.84 -15.89
N SER A 220 7.76 7.88 -17.24
CA SER A 220 6.76 8.77 -17.87
C SER A 220 5.37 8.53 -17.34
N THR A 221 4.67 9.61 -16.99
CA THR A 221 3.30 9.50 -16.45
C THR A 221 2.28 10.07 -17.46
N LEU A 222 1.00 9.81 -17.15
CA LEU A 222 -0.03 10.26 -18.08
C LEU A 222 -0.13 11.78 -18.04
N SER A 223 0.01 12.37 -16.85
CA SER A 223 0.22 13.85 -16.81
C SER A 223 1.22 14.15 -15.73
N GLY A 224 1.74 15.37 -15.70
CA GLY A 224 2.68 15.73 -14.63
C GLY A 224 4.08 15.19 -14.85
N PRO A 225 4.99 15.47 -13.91
CA PRO A 225 6.40 15.09 -14.14
C PRO A 225 6.61 13.55 -13.94
N PRO A 226 7.66 13.01 -14.61
CA PRO A 226 7.96 11.59 -14.52
C PRO A 226 8.29 11.16 -13.08
N LEU A 227 7.92 9.89 -12.77
CA LEU A 227 8.25 9.37 -11.43
C LEU A 227 9.67 8.84 -11.38
N THR A 228 10.49 9.38 -10.46
CA THR A 228 11.84 8.96 -10.28
C THR A 228 12.13 8.42 -8.91
N THR A 229 11.67 9.06 -7.83
CA THR A 229 11.82 8.53 -6.51
C THR A 229 10.45 8.68 -5.85
N LEU A 230 10.10 7.69 -5.07
CA LEU A 230 8.84 7.65 -4.35
C LEU A 230 9.23 7.50 -2.91
N ARG A 231 8.95 8.48 -2.06
CA ARG A 231 9.24 8.38 -0.63
C ARG A 231 8.09 7.75 0.09
N GLY A 232 8.41 6.90 1.11
CA GLY A 232 7.33 6.28 1.88
C GLY A 232 7.75 6.15 3.33
N ARG A 233 6.83 5.61 4.11
CA ARG A 233 7.07 5.31 5.53
C ARG A 233 6.68 3.85 5.81
N TRP A 234 7.35 3.24 6.80
CA TRP A 234 7.02 1.86 7.18
C TRP A 234 6.85 1.82 8.65
N SER A 235 6.11 0.83 9.12
CA SER A 235 5.86 0.62 10.54
CA SER A 235 5.98 0.58 10.55
C SER A 235 5.66 -0.87 10.82
N VAL A 236 6.16 -1.37 11.92
CA VAL A 236 5.85 -2.73 12.34
C VAL A 236 5.19 -2.63 13.73
N GLU A 237 4.00 -3.18 13.84
CA GLU A 237 3.28 -3.18 15.12
CA GLU A 237 3.19 -3.02 15.08
C GLU A 237 2.10 -4.08 15.06
N ARG A 238 1.75 -4.64 16.22
CA ARG A 238 0.60 -5.54 16.35
C ARG A 238 0.71 -6.72 15.33
N GLY A 239 1.95 -7.23 15.13
CA GLY A 239 2.17 -8.34 14.20
C GLY A 239 2.03 -8.07 12.72
N LEU A 240 1.97 -6.78 12.38
CA LEU A 240 1.77 -6.36 10.97
C LEU A 240 2.90 -5.45 10.54
N VAL A 241 3.20 -5.47 9.24
CA VAL A 241 3.98 -4.41 8.58
C VAL A 241 2.99 -3.55 7.79
N LEU A 242 3.12 -2.22 7.93
CA LEU A 242 2.35 -1.30 7.10
C LEU A 242 3.37 -0.42 6.38
N THR A 243 3.07 -0.14 5.10
CA THR A 243 3.81 0.88 4.38
C THR A 243 2.81 1.78 3.66
N ALA A 244 3.28 3.03 3.45
CA ALA A 244 2.44 3.97 2.65
C ALA A 244 3.36 4.96 1.91
N ILE A 245 2.92 5.26 0.70
CA ILE A 245 3.56 6.29 -0.13
C ILE A 245 2.44 7.28 -0.46
N VAL A 246 2.73 8.56 -0.21
CA VAL A 246 1.74 9.64 -0.54
C VAL A 246 2.48 10.63 -1.41
N LEU A 247 2.18 10.62 -2.69
CA LEU A 247 2.88 11.50 -3.65
C LEU A 247 2.16 12.83 -3.84
N1A COA B . -2.87 -0.40 -9.35
C2A COA B . -3.19 0.09 -8.13
N3A COA B . -3.82 -0.62 -7.16
C4A COA B . -4.24 -1.86 -7.50
C5A COA B . -3.92 -2.43 -8.76
C6A COA B . -3.25 -1.60 -9.74
N6A COA B . -2.97 -2.04 -10.95
N7A COA B . -4.38 -3.70 -8.83
C8A COA B . -4.94 -3.94 -7.64
N9A COA B . -4.88 -2.80 -6.81
C1B COA B . -5.45 -2.60 -5.50
C2B COA B . -6.93 -3.07 -5.50
O2B COA B . -7.66 -2.09 -4.69
C3B COA B . -6.86 -4.38 -4.69
O3B COA B . -8.04 -4.71 -3.88
P3B COA B . -9.48 -4.90 -4.49
O7A COA B . -9.88 -3.52 -5.03
O8A COA B . -9.35 -5.91 -5.64
O9A COA B . -10.26 -5.48 -3.36
C4B COA B . -5.69 -4.10 -3.74
O4B COA B . -4.74 -3.45 -4.57
C5B COA B . -5.06 -5.40 -3.27
O5B COA B . -3.99 -5.07 -2.36
P1A COA B . -3.57 -6.13 -1.28
O1A COA B . -2.47 -5.47 -0.54
O2A COA B . -4.70 -6.58 -0.52
O3A COA B . -3.01 -7.35 -2.20
P2A COA B . -1.55 -7.60 -2.76
O4A COA B . -0.57 -7.59 -1.63
O5A COA B . -1.68 -8.82 -3.62
O6A COA B . -1.16 -6.33 -3.64
CBP COA B . -0.80 -6.06 -6.04
CCP COA B . -1.85 -6.09 -4.94
CDP COA B . -1.56 -5.65 -7.31
CEP COA B . 0.31 -5.03 -5.71
CAP COA B . -0.09 -7.46 -6.15
OAP COA B . -1.06 -8.51 -6.16
C9P COA B . 0.72 -7.59 -7.44
O9P COA B . 0.17 -8.00 -8.46
N8P COA B . 1.99 -7.27 -7.41
C7P COA B . 2.87 -7.35 -8.60
C6P COA B . 3.43 -5.97 -9.01
C5P COA B . 4.54 -5.55 -8.04
O5P COA B . 4.38 -5.84 -6.81
N4P COA B . 5.61 -4.98 -8.53
C3P COA B . 6.75 -4.57 -7.72
C2P COA B . 6.95 -3.06 -7.83
S1P COA B . 8.48 -2.51 -7.05
NA NA C . 18.37 -0.04 3.02
NA NA D . 16.91 3.76 -3.33
NA NA E . -16.55 3.56 -9.89
NA NA F . -12.07 -4.73 13.45
NA NA G . -1.96 -12.73 5.33
NA NA H . 20.88 -0.83 -9.77
NA NA I . -5.60 3.99 -7.24
NA NA J . 19.41 -1.32 15.21
NA NA K . 11.32 14.10 10.77
NA NA L . -9.62 16.92 6.49
NA NA M . 5.15 2.74 16.71
P PO4 N . -10.62 -12.80 -7.73
O1 PO4 N . -11.69 -13.73 -7.17
O2 PO4 N . -10.10 -11.80 -6.83
O3 PO4 N . -11.23 -12.13 -8.97
O4 PO4 N . -9.48 -13.61 -8.22
O1 PG4 O . 21.71 -2.71 12.93
C1 PG4 O . 21.10 -1.78 12.02
C2 PG4 O . 21.01 -0.57 12.90
O2 PG4 O . 20.58 0.62 12.28
C3 PG4 O . 20.85 1.67 13.25
C4 PG4 O . 19.57 2.36 13.76
O3 PG4 O . 18.49 1.61 14.31
C5 PG4 O . 18.15 2.21 15.55
C6 PG4 O . 17.03 1.41 16.14
O4 PG4 O . 17.50 0.39 17.05
C7 PG4 O . 16.42 -0.40 17.62
C8 PG4 O . 16.69 -0.87 19.06
O5 PG4 O . 17.99 -1.48 19.12
N1 IMD P . 4.35 -7.19 -17.62
C2 IMD P . 3.28 -7.81 -16.93
N3 IMD P . 3.79 -8.70 -15.96
C4 IMD P . 5.23 -8.61 -16.02
C5 IMD P . 5.53 -7.70 -17.08
#